data_3HTQ
#
_entry.id   3HTQ
#
_cell.length_a   198.443
_cell.length_b   198.443
_cell.length_c   198.443
_cell.angle_alpha   90.000
_cell.angle_beta   90.000
_cell.angle_gamma   90.000
#
_symmetry.space_group_name_H-M   'I 2 3'
#
loop_
_entity.id
_entity.type
_entity.pdbx_description
1 polymer Hemagglutinin
2 polymer 'Hemagglutinin HA2 chain'
3 branched 2-acetamido-2-deoxy-alpha-D-glucopyranose-(1-4)-2-acetamido-2-deoxy-beta-D-glucopyranose
4 branched 'N-acetyl-alpha-neuraminic acid-(2-6)-beta-D-galactopyranose'
5 non-polymer 2-acetamido-2-deoxy-beta-D-glucopyranose
6 water water
#
loop_
_entity_poly.entity_id
_entity_poly.type
_entity_poly.pdbx_seq_one_letter_code
_entity_poly.pdbx_strand_id
1 'polypeptide(L)'
;DTICIGYHANNSTDTVDTVLEKNVTVTHSVNLLEDNHNGKLCKLNGIAPLQLGKCNVAGWLLGNPECDLLLTANSWSYII
ETSNSENGTCYPGEFIDYEELREQLSSVSSFERFEIFPKASSWPNHETTKGVTAACSYFGASSFYRNLLWITKKGTSYPK
LSKSYTNNKGKEVLVLWGVHHPPTTSEQQTLYQNTDAYVSVGSSKYNRRFTPEIAARPKVRGQAGRMNYYWTLLDQGDTI
TFEATGNLIAPWYAFALNKGSDSGIITSDAPVHNCDTKCQTPHGAINSTLPFQNVHPITIGECPKYVKSTKLRMATGLRN
IPSI
;
A
2 'polypeptide(L)'
;GLFGAMAGFIEGGWTGMIDGWYGYHHQNEQGSGYAADQKSTQNAIDGITNKVNSIIEKMNTQFTAVGKEFNNLERRIENL
NKKVDDGFLDVWTYNAELLVLLENERTLDFHDSNVRNLYEKVKSQLRNNAKEIGNGCFEFYHKCDDECMESVKNGTYDYP
;
B
#
# COMPACT_ATOMS: atom_id res chain seq x y z
N ASP A 1 -22.16 -21.26 -54.70
CA ASP A 1 -21.79 -19.99 -54.00
C ASP A 1 -22.47 -19.83 -52.65
N THR A 2 -21.67 -19.72 -51.60
CA THR A 2 -22.22 -19.57 -50.27
C THR A 2 -21.44 -18.56 -49.44
N ILE A 3 -22.14 -17.93 -48.51
CA ILE A 3 -21.50 -16.98 -47.61
C ILE A 3 -21.93 -17.37 -46.21
N CYS A 4 -20.99 -17.39 -45.27
CA CYS A 4 -21.31 -17.75 -43.90
C CYS A 4 -20.81 -16.67 -42.96
N ILE A 5 -21.60 -16.36 -41.96
CA ILE A 5 -21.18 -15.38 -40.99
C ILE A 5 -20.72 -16.19 -39.80
N GLY A 6 -19.54 -15.84 -39.27
CA GLY A 6 -18.99 -16.57 -38.13
C GLY A 6 -18.21 -15.69 -37.19
N TYR A 7 -17.47 -16.32 -36.29
CA TYR A 7 -16.68 -15.60 -35.29
C TYR A 7 -15.28 -16.14 -35.11
N HIS A 8 -14.40 -15.26 -34.66
CA HIS A 8 -12.99 -15.53 -34.43
C HIS A 8 -12.70 -16.67 -33.45
N ALA A 9 -11.51 -17.24 -33.58
CA ALA A 9 -11.03 -18.31 -32.73
C ALA A 9 -9.50 -18.34 -32.86
N ASN A 10 -8.82 -18.73 -31.79
CA ASN A 10 -7.36 -18.79 -31.83
C ASN A 10 -6.80 -19.83 -30.87
N ASN A 11 -5.50 -19.75 -30.65
CA ASN A 11 -4.80 -20.70 -29.79
C ASN A 11 -4.80 -20.33 -28.32
N SER A 12 -5.59 -19.32 -27.94
CA SER A 12 -5.63 -18.89 -26.55
C SER A 12 -6.14 -19.97 -25.60
N THR A 13 -5.62 -19.98 -24.38
CA THR A 13 -6.05 -20.93 -23.38
C THR A 13 -6.47 -20.21 -22.10
N ASP A 14 -6.52 -18.89 -22.17
CA ASP A 14 -6.96 -18.10 -21.04
C ASP A 14 -8.37 -18.59 -20.73
N THR A 15 -8.71 -18.64 -19.45
CA THR A 15 -10.04 -19.07 -19.06
C THR A 15 -10.59 -18.12 -18.03
N VAL A 16 -11.87 -17.80 -18.16
CA VAL A 16 -12.52 -16.91 -17.21
C VAL A 16 -13.66 -17.71 -16.62
N ASP A 17 -14.26 -17.18 -15.58
CA ASP A 17 -15.40 -17.83 -14.93
C ASP A 17 -16.59 -16.92 -15.14
N THR A 18 -17.77 -17.50 -15.33
CA THR A 18 -18.98 -16.75 -15.54
C THR A 18 -20.03 -17.20 -14.53
N VAL A 19 -21.07 -16.42 -14.37
CA VAL A 19 -22.13 -16.76 -13.42
C VAL A 19 -22.69 -18.15 -13.68
N LEU A 20 -22.72 -18.55 -14.94
CA LEU A 20 -23.28 -19.85 -15.29
C LEU A 20 -22.25 -20.95 -15.53
N GLU A 21 -21.04 -20.59 -15.93
CA GLU A 21 -20.00 -21.58 -16.23
C GLU A 21 -18.63 -21.28 -15.66
N LYS A 22 -17.91 -22.34 -15.32
CA LYS A 22 -16.55 -22.18 -14.81
C LYS A 22 -15.54 -22.57 -15.89
N ASN A 23 -14.43 -21.86 -15.93
CA ASN A 23 -13.35 -22.15 -16.87
C ASN A 23 -13.74 -22.17 -18.35
N VAL A 24 -14.34 -21.08 -18.80
CA VAL A 24 -14.73 -20.95 -20.19
C VAL A 24 -13.48 -20.45 -20.88
N THR A 25 -12.92 -21.21 -21.82
CA THR A 25 -11.73 -20.78 -22.55
C THR A 25 -12.13 -19.65 -23.49
N VAL A 26 -11.45 -18.52 -23.40
CA VAL A 26 -11.83 -17.37 -24.23
C VAL A 26 -10.64 -16.85 -25.04
N THR A 27 -10.90 -16.25 -26.19
CA THR A 27 -9.84 -15.75 -27.08
C THR A 27 -8.95 -14.64 -26.57
N HIS A 28 -9.54 -13.70 -25.83
CA HIS A 28 -8.81 -12.55 -25.30
C HIS A 28 -9.39 -12.19 -23.94
N SER A 29 -8.52 -12.09 -22.95
CA SER A 29 -8.94 -11.72 -21.61
C SER A 29 -8.05 -10.61 -21.06
N VAL A 30 -8.38 -10.13 -19.87
CA VAL A 30 -7.61 -9.09 -19.21
C VAL A 30 -7.61 -9.41 -17.74
N ASN A 31 -6.50 -9.16 -17.07
CA ASN A 31 -6.46 -9.45 -15.65
C ASN A 31 -6.69 -8.17 -14.85
N LEU A 32 -7.58 -8.26 -13.88
CA LEU A 32 -7.92 -7.13 -13.03
C LEU A 32 -7.30 -7.26 -11.65
N LEU A 33 -6.53 -8.33 -11.45
CA LEU A 33 -5.91 -8.58 -10.16
C LEU A 33 -4.40 -8.53 -10.21
N GLU A 34 -3.80 -7.79 -9.29
CA GLU A 34 -2.35 -7.68 -9.19
C GLU A 34 -1.81 -8.69 -8.18
N ASP A 35 -0.88 -9.53 -8.60
CA ASP A 35 -0.28 -10.50 -7.70
C ASP A 35 1.23 -10.58 -7.85
N ASN A 36 1.81 -9.52 -8.40
CA ASN A 36 3.26 -9.45 -8.58
C ASN A 36 3.78 -8.33 -7.71
N HIS A 37 5.10 -8.22 -7.62
CA HIS A 37 5.76 -7.17 -6.85
C HIS A 37 7.26 -7.31 -7.04
N ASN A 38 7.95 -6.20 -7.28
CA ASN A 38 9.39 -6.23 -7.49
C ASN A 38 10.21 -6.68 -6.28
N GLY A 39 9.54 -7.16 -5.23
CA GLY A 39 10.25 -7.60 -4.05
C GLY A 39 11.31 -6.62 -3.56
N LYS A 40 11.05 -5.33 -3.75
CA LYS A 40 11.97 -4.27 -3.32
C LYS A 40 11.22 -3.16 -2.59
N LEU A 41 11.86 -2.58 -1.60
CA LEU A 41 11.26 -1.47 -0.87
C LEU A 41 11.70 -0.27 -1.69
N CYS A 42 10.75 0.39 -2.34
CA CYS A 42 11.06 1.53 -3.19
C CYS A 42 10.75 2.89 -2.61
N LYS A 43 10.97 3.92 -3.43
CA LYS A 43 10.69 5.28 -3.06
C LYS A 43 9.20 5.42 -3.23
N LEU A 44 8.54 6.20 -2.37
CA LEU A 44 7.10 6.37 -2.44
C LEU A 44 6.80 7.79 -2.91
N ASN A 45 6.43 7.91 -4.18
CA ASN A 45 6.12 9.21 -4.78
C ASN A 45 7.39 10.02 -4.94
N GLY A 46 8.47 9.34 -5.33
CA GLY A 46 9.73 10.01 -5.53
C GLY A 46 10.55 10.34 -4.30
N ILE A 47 10.12 9.87 -3.13
CA ILE A 47 10.86 10.15 -1.88
C ILE A 47 11.27 8.85 -1.18
N ALA A 48 12.57 8.58 -1.12
CA ALA A 48 13.05 7.36 -0.49
C ALA A 48 12.56 7.24 0.95
N PRO A 49 12.57 6.02 1.49
CA PRO A 49 12.13 5.81 2.87
C PRO A 49 13.32 5.94 3.81
N LEU A 50 13.07 5.74 5.10
CA LEU A 50 14.12 5.83 6.11
C LEU A 50 14.40 4.42 6.67
N GLN A 51 15.61 3.92 6.46
CA GLN A 51 15.98 2.60 6.95
C GLN A 51 16.53 2.69 8.35
N LEU A 52 16.11 1.78 9.22
CA LEU A 52 16.59 1.79 10.60
C LEU A 52 17.46 0.57 10.83
N GLY A 53 17.17 -0.49 10.08
CA GLY A 53 17.94 -1.72 10.20
C GLY A 53 17.95 -2.31 11.59
N LYS A 54 19.13 -2.37 12.20
CA LYS A 54 19.30 -2.91 13.54
C LYS A 54 18.50 -2.10 14.56
N CYS A 55 18.39 -0.80 14.32
CA CYS A 55 17.65 0.05 15.23
C CYS A 55 16.17 0.14 14.93
N ASN A 56 15.40 0.45 15.97
CA ASN A 56 13.96 0.59 15.84
C ASN A 56 13.67 2.07 16.07
N VAL A 57 12.41 2.47 15.94
CA VAL A 57 12.06 3.88 16.10
C VAL A 57 12.53 4.51 17.40
N ALA A 58 12.24 3.87 18.52
CA ALA A 58 12.66 4.41 19.81
C ALA A 58 14.16 4.59 19.86
N GLY A 59 14.89 3.58 19.38
CA GLY A 59 16.34 3.64 19.37
C GLY A 59 16.84 4.82 18.55
N TRP A 60 16.30 4.98 17.36
CA TRP A 60 16.70 6.06 16.49
C TRP A 60 16.49 7.44 17.13
N LEU A 61 15.27 7.73 17.54
CA LEU A 61 14.95 9.02 18.14
C LEU A 61 15.66 9.35 19.46
N LEU A 62 15.75 8.36 20.35
CA LEU A 62 16.41 8.56 21.64
C LEU A 62 17.93 8.71 21.51
N GLY A 63 18.52 8.09 20.51
CA GLY A 63 19.97 8.20 20.35
C GLY A 63 20.70 6.99 20.91
N ASN A 64 20.19 5.81 20.61
CA ASN A 64 20.83 4.59 21.07
C ASN A 64 22.20 4.53 20.40
N PRO A 65 23.25 4.22 21.18
CA PRO A 65 24.64 4.13 20.70
C PRO A 65 24.86 3.17 19.54
N GLU A 66 23.80 2.55 19.06
CA GLU A 66 23.92 1.63 17.94
C GLU A 66 23.28 2.22 16.70
N CYS A 67 22.63 3.36 16.85
CA CYS A 67 21.96 4.02 15.74
C CYS A 67 22.72 5.27 15.33
N ASP A 68 24.04 5.26 15.53
CA ASP A 68 24.87 6.41 15.18
C ASP A 68 24.74 6.77 13.70
N LEU A 69 24.45 5.78 12.87
CA LEU A 69 24.33 6.00 11.43
C LEU A 69 23.06 6.75 11.01
N LEU A 70 22.04 6.72 11.86
CA LEU A 70 20.78 7.40 11.58
C LEU A 70 20.74 8.82 12.12
N LEU A 71 21.89 9.31 12.58
CA LEU A 71 21.99 10.66 13.14
C LEU A 71 21.95 11.76 12.08
N THR A 72 21.92 11.37 10.81
CA THR A 72 21.88 12.32 9.70
C THR A 72 20.57 12.21 8.93
N ALA A 73 19.75 11.24 9.32
CA ALA A 73 18.45 10.99 8.69
C ALA A 73 17.80 12.27 8.18
N ASN A 74 17.24 12.20 6.98
CA ASN A 74 16.55 13.35 6.38
C ASN A 74 15.61 12.93 5.25
N SER A 75 14.54 13.71 5.05
CA SER A 75 13.54 13.46 4.02
C SER A 75 12.56 12.36 4.42
N TRP A 76 12.73 11.20 3.81
CA TRP A 76 11.91 10.02 4.03
C TRP A 76 10.36 10.16 3.93
N SER A 77 9.76 9.22 3.20
CA SER A 77 8.31 9.18 2.95
C SER A 77 7.56 8.17 3.83
N TYR A 78 8.31 7.18 4.32
CA TYR A 78 7.75 6.15 5.20
C TYR A 78 8.96 5.51 5.86
N ILE A 79 8.74 4.92 7.03
CA ILE A 79 9.83 4.31 7.79
C ILE A 79 9.87 2.80 7.64
N ILE A 80 11.09 2.27 7.55
CA ILE A 80 11.32 0.84 7.40
C ILE A 80 11.99 0.20 8.60
N GLU A 81 11.35 -0.79 9.21
CA GLU A 81 11.95 -1.52 10.31
C GLU A 81 12.21 -2.92 9.79
N THR A 82 13.18 -3.60 10.40
CA THR A 82 13.59 -4.95 9.99
C THR A 82 13.35 -5.99 11.05
N SER A 83 13.57 -7.25 10.70
CA SER A 83 13.39 -8.31 11.67
C SER A 83 14.57 -8.23 12.63
N ASN A 84 15.33 -7.14 12.53
CA ASN A 84 16.48 -6.91 13.39
C ASN A 84 16.37 -5.58 14.12
N SER A 85 15.19 -4.99 14.10
CA SER A 85 15.00 -3.71 14.78
C SER A 85 14.81 -3.96 16.27
N GLU A 86 15.87 -4.38 16.93
CA GLU A 86 15.82 -4.67 18.36
C GLU A 86 16.59 -3.67 19.21
N ASN A 87 17.27 -2.73 18.55
CA ASN A 87 18.07 -1.74 19.24
C ASN A 87 17.31 -0.45 19.50
N GLY A 88 16.65 -0.39 20.65
CA GLY A 88 15.87 0.78 20.99
C GLY A 88 16.19 1.36 22.34
N THR A 89 15.25 1.30 23.26
CA THR A 89 15.49 1.84 24.60
C THR A 89 16.41 0.94 25.39
N CYS A 90 17.72 1.02 25.10
CA CYS A 90 18.71 0.19 25.79
C CYS A 90 18.56 0.21 27.31
N TYR A 91 17.98 1.29 27.84
CA TYR A 91 17.77 1.39 29.28
C TYR A 91 16.28 1.21 29.58
N PRO A 92 15.89 0.08 30.18
CA PRO A 92 14.51 -0.24 30.53
C PRO A 92 13.58 0.89 30.95
N GLY A 93 12.35 0.83 30.45
CA GLY A 93 11.34 1.83 30.75
C GLY A 93 10.22 1.88 29.72
N GLU A 94 9.22 2.71 29.99
CA GLU A 94 8.09 2.84 29.10
C GLU A 94 8.19 4.09 28.23
N PHE A 95 7.94 3.92 26.93
CA PHE A 95 8.00 5.03 25.98
C PHE A 95 6.57 5.59 25.80
N ILE A 96 6.19 6.50 26.68
CA ILE A 96 4.86 7.09 26.67
C ILE A 96 4.39 7.55 25.30
N ASP A 97 3.21 7.08 24.92
CA ASP A 97 2.59 7.41 23.65
C ASP A 97 3.50 7.08 22.46
N TYR A 98 4.21 5.97 22.57
CA TYR A 98 5.13 5.53 21.53
C TYR A 98 4.44 5.29 20.19
N GLU A 99 3.44 4.42 20.17
CA GLU A 99 2.71 4.15 18.93
C GLU A 99 2.31 5.46 18.30
N GLU A 100 1.80 6.36 19.14
CA GLU A 100 1.36 7.66 18.67
C GLU A 100 2.51 8.42 17.99
N LEU A 101 3.70 8.36 18.59
CA LEU A 101 4.85 9.05 18.01
C LEU A 101 5.23 8.40 16.70
N ARG A 102 5.34 7.08 16.71
CA ARG A 102 5.70 6.35 15.49
C ARG A 102 4.80 6.78 14.35
N GLU A 103 3.50 6.83 14.61
CA GLU A 103 2.54 7.21 13.60
C GLU A 103 2.69 8.64 13.12
N GLN A 104 2.85 9.56 14.06
CA GLN A 104 2.98 10.98 13.70
C GLN A 104 4.26 11.32 12.95
N LEU A 105 5.29 10.49 13.08
CA LEU A 105 6.55 10.75 12.40
C LEU A 105 6.70 9.89 11.17
N SER A 106 5.62 9.20 10.79
CA SER A 106 5.61 8.33 9.62
C SER A 106 6.19 9.01 8.39
N SER A 107 5.76 10.23 8.14
CA SER A 107 6.20 11.02 7.00
C SER A 107 6.76 12.36 7.48
N VAL A 108 7.88 12.78 6.91
CA VAL A 108 8.49 14.03 7.29
C VAL A 108 9.12 14.71 6.09
N SER A 109 8.77 15.98 5.89
CA SER A 109 9.31 16.78 4.79
C SER A 109 10.77 17.16 5.07
N SER A 110 10.98 17.88 6.17
CA SER A 110 12.31 18.28 6.60
C SER A 110 12.50 17.80 8.03
N PHE A 111 13.73 17.44 8.37
CA PHE A 111 14.04 16.94 9.70
C PHE A 111 15.46 17.35 10.02
N GLU A 112 15.62 18.19 11.04
CA GLU A 112 16.94 18.64 11.43
C GLU A 112 17.19 18.43 12.91
N ARG A 113 18.29 17.77 13.21
CA ARG A 113 18.66 17.51 14.60
C ARG A 113 19.58 18.61 15.10
N PHE A 114 19.18 19.26 16.19
CA PHE A 114 19.98 20.34 16.76
C PHE A 114 20.13 20.21 18.26
N GLU A 115 21.15 20.85 18.82
CA GLU A 115 21.40 20.83 20.25
C GLU A 115 20.47 21.82 20.94
N ILE A 116 19.40 21.34 21.56
CA ILE A 116 18.46 22.24 22.23
C ILE A 116 19.02 22.70 23.57
N PHE A 117 19.69 21.78 24.27
CA PHE A 117 20.27 22.07 25.57
C PHE A 117 21.67 21.45 25.54
N PRO A 118 22.68 22.21 25.09
CA PRO A 118 24.07 21.71 25.03
C PRO A 118 24.66 21.25 26.35
N LYS A 119 25.25 20.05 26.31
CA LYS A 119 25.88 19.44 27.46
C LYS A 119 26.79 20.44 28.19
N ALA A 120 27.75 20.98 27.45
CA ALA A 120 28.69 21.95 28.00
C ALA A 120 27.99 23.25 28.40
N SER A 121 28.15 23.62 29.67
CA SER A 121 27.55 24.85 30.19
C SER A 121 26.07 25.00 29.85
N SER A 122 25.24 24.29 30.60
CA SER A 122 23.78 24.32 30.45
C SER A 122 23.31 23.86 31.80
N TRP A 123 24.06 22.91 32.35
CA TRP A 123 23.81 22.33 33.65
C TRP A 123 25.08 22.51 34.49
N PRO A 124 25.55 23.76 34.67
CA PRO A 124 26.75 23.90 35.49
C PRO A 124 26.28 23.58 36.90
N ASN A 125 27.21 23.34 37.82
CA ASN A 125 26.86 22.97 39.19
C ASN A 125 25.90 21.77 39.20
N HIS A 126 26.17 20.84 38.29
CA HIS A 126 25.42 19.59 38.10
C HIS A 126 26.32 18.63 37.34
N GLU A 127 26.32 17.37 37.73
CA GLU A 127 27.18 16.40 37.06
C GLU A 127 26.58 15.92 35.74
N THR A 128 27.19 16.36 34.64
CA THR A 128 26.72 16.00 33.32
C THR A 128 27.75 15.13 32.62
N THR A 129 28.57 14.42 33.40
CA THR A 129 29.59 13.57 32.80
C THR A 129 29.60 12.16 33.35
N LYS A 130 28.69 11.87 34.28
CA LYS A 130 28.61 10.55 34.87
C LYS A 130 27.38 9.80 34.35
N GLY A 131 26.50 10.55 33.67
CA GLY A 131 25.28 9.98 33.13
C GLY A 131 25.46 8.87 32.11
N VAL A 132 26.23 7.85 32.47
CA VAL A 132 26.50 6.71 31.59
C VAL A 132 26.04 5.42 32.24
N THR A 133 25.72 4.43 31.41
CA THR A 133 25.27 3.14 31.91
C THR A 133 25.88 2.03 31.10
N ALA A 134 25.87 0.83 31.65
CA ALA A 134 26.43 -0.33 30.97
C ALA A 134 25.34 -0.97 30.11
N ALA A 135 24.09 -0.61 30.40
CA ALA A 135 22.97 -1.12 29.64
C ALA A 135 23.07 -0.57 28.22
N CYS A 136 23.59 0.64 28.09
CA CYS A 136 23.74 1.26 26.79
C CYS A 136 25.21 1.32 26.43
N SER A 137 25.79 0.15 26.19
CA SER A 137 27.21 0.03 25.87
C SER A 137 27.62 0.28 24.43
N TYR A 138 28.62 1.12 24.27
CA TYR A 138 29.15 1.47 22.95
C TYR A 138 30.56 0.89 22.81
N PHE A 139 30.68 -0.21 22.07
CA PHE A 139 31.96 -0.89 21.87
C PHE A 139 32.61 -1.27 23.20
N GLY A 140 31.91 -2.09 23.96
CA GLY A 140 32.41 -2.52 25.25
C GLY A 140 32.26 -1.47 26.33
N ALA A 141 32.48 -0.21 25.96
CA ALA A 141 32.39 0.91 26.88
C ALA A 141 30.96 1.24 27.31
N SER A 142 30.79 1.70 28.54
CA SER A 142 29.46 2.08 29.04
C SER A 142 29.15 3.44 28.43
N SER A 143 27.95 3.57 27.87
CA SER A 143 27.56 4.83 27.24
C SER A 143 26.15 5.27 27.61
N PHE A 144 25.46 5.88 26.66
CA PHE A 144 24.09 6.36 26.88
C PHE A 144 23.54 6.97 25.60
N TYR A 145 22.23 7.19 25.58
CA TYR A 145 21.56 7.78 24.44
C TYR A 145 22.29 9.05 24.04
N ARG A 146 22.32 9.33 22.74
CA ARG A 146 23.02 10.51 22.26
C ARG A 146 22.18 11.78 22.21
N ASN A 147 20.87 11.66 22.39
CA ASN A 147 20.03 12.85 22.32
C ASN A 147 19.48 13.28 23.66
N LEU A 148 19.71 12.45 24.67
CA LEU A 148 19.28 12.76 26.04
C LEU A 148 20.54 12.84 26.90
N LEU A 149 20.48 13.63 27.97
CA LEU A 149 21.63 13.80 28.85
C LEU A 149 21.23 13.42 30.27
N TRP A 150 21.94 12.44 30.82
CA TRP A 150 21.68 11.95 32.18
C TRP A 150 22.37 12.86 33.21
N ILE A 151 21.61 13.78 33.78
CA ILE A 151 22.16 14.69 34.76
C ILE A 151 22.24 14.01 36.12
N THR A 152 23.48 13.82 36.57
CA THR A 152 23.77 13.18 37.85
C THR A 152 23.77 14.22 38.96
N LYS A 153 24.73 14.13 39.87
CA LYS A 153 24.83 15.08 40.97
C LYS A 153 26.28 15.51 41.17
N LYS A 154 26.45 16.80 41.45
CA LYS A 154 27.78 17.37 41.66
C LYS A 154 28.18 17.28 43.12
N GLY A 155 29.23 16.50 43.38
CA GLY A 155 29.71 16.32 44.73
C GLY A 155 28.69 15.66 45.64
N THR A 156 28.10 16.46 46.52
CA THR A 156 27.11 15.95 47.46
C THR A 156 25.92 16.91 47.54
N SER A 157 25.66 17.59 46.43
CA SER A 157 24.53 18.53 46.37
C SER A 157 23.98 18.59 44.95
N TYR A 158 22.67 18.46 44.85
CA TYR A 158 21.96 18.49 43.58
C TYR A 158 20.92 19.59 43.68
N PRO A 159 21.28 20.80 43.27
CA PRO A 159 20.41 21.98 43.29
C PRO A 159 19.27 21.94 42.29
N LYS A 160 18.24 22.74 42.55
CA LYS A 160 17.08 22.81 41.66
C LYS A 160 17.43 23.44 40.31
N LEU A 161 17.20 22.71 39.22
CA LEU A 161 17.50 23.25 37.89
C LEU A 161 16.27 23.80 37.17
N SER A 162 16.53 24.60 36.13
CA SER A 162 15.45 25.20 35.36
C SER A 162 15.94 25.80 34.05
N LYS A 163 15.60 25.16 32.94
CA LYS A 163 15.99 25.60 31.60
C LYS A 163 14.76 25.72 30.71
N SER A 164 14.82 26.65 29.78
CA SER A 164 13.72 26.85 28.84
C SER A 164 14.26 26.91 27.43
N TYR A 165 13.39 26.66 26.47
CA TYR A 165 13.75 26.70 25.07
C TYR A 165 12.55 27.24 24.34
N THR A 166 12.75 28.28 23.52
CA THR A 166 11.63 28.82 22.77
C THR A 166 11.86 28.45 21.31
N ASN A 167 10.92 27.70 20.74
CA ASN A 167 11.02 27.26 19.37
C ASN A 167 10.94 28.40 18.40
N ASN A 168 12.10 28.84 17.92
CA ASN A 168 12.17 29.91 16.94
C ASN A 168 12.71 29.32 15.64
N LYS A 169 12.47 28.03 15.45
CA LYS A 169 12.90 27.29 14.26
C LYS A 169 12.00 27.49 13.04
N GLY A 170 10.83 28.07 13.25
CA GLY A 170 9.90 28.28 12.16
C GLY A 170 9.27 26.98 11.69
N LYS A 171 9.05 26.07 12.64
CA LYS A 171 8.46 24.76 12.36
C LYS A 171 8.40 23.97 13.66
N GLU A 172 7.52 22.97 13.73
CA GLU A 172 7.41 22.17 14.94
C GLU A 172 8.76 21.62 15.38
N VAL A 173 8.92 21.42 16.68
CA VAL A 173 10.15 20.89 17.25
C VAL A 173 9.81 19.73 18.17
N LEU A 174 10.36 18.56 17.87
CA LEU A 174 10.13 17.36 18.66
C LEU A 174 11.10 17.32 19.83
N VAL A 175 10.58 17.55 21.04
CA VAL A 175 11.42 17.53 22.23
C VAL A 175 11.23 16.19 22.96
N LEU A 176 12.32 15.47 23.19
CA LEU A 176 12.25 14.18 23.87
C LEU A 176 12.94 14.28 25.22
N TRP A 177 12.43 13.57 26.23
CA TRP A 177 13.06 13.62 27.55
C TRP A 177 12.60 12.46 28.39
N GLY A 178 13.35 12.16 29.44
CA GLY A 178 12.96 11.07 30.30
C GLY A 178 12.98 11.38 31.79
N VAL A 179 12.23 10.60 32.55
CA VAL A 179 12.19 10.71 34.00
C VAL A 179 12.74 9.37 34.44
N HIS A 180 13.62 9.37 35.43
CA HIS A 180 14.22 8.14 35.90
C HIS A 180 13.61 7.69 37.22
N HIS A 181 13.40 6.39 37.34
CA HIS A 181 12.80 5.81 38.54
C HIS A 181 13.69 4.74 39.15
N PRO A 182 14.43 5.10 40.22
CA PRO A 182 15.33 4.14 40.87
C PRO A 182 14.57 2.98 41.51
N PRO A 183 15.27 1.85 41.73
CA PRO A 183 14.66 0.67 42.35
C PRO A 183 14.37 0.86 43.82
N THR A 184 15.00 1.88 44.42
CA THR A 184 14.85 2.16 45.85
C THR A 184 14.81 3.65 46.18
N THR A 185 15.25 3.97 47.40
CA THR A 185 15.32 5.35 47.88
C THR A 185 16.78 5.57 48.25
N SER A 186 17.55 4.49 48.21
CA SER A 186 18.98 4.54 48.50
C SER A 186 19.69 5.09 47.27
N GLU A 187 19.28 4.60 46.09
CA GLU A 187 19.86 5.03 44.82
C GLU A 187 19.31 6.43 44.50
N GLN A 188 18.07 6.68 44.90
CA GLN A 188 17.44 7.98 44.65
C GLN A 188 18.19 9.12 45.28
N GLN A 189 18.94 8.85 46.34
CA GLN A 189 19.69 9.90 47.00
C GLN A 189 21.13 9.99 46.51
N THR A 190 21.77 8.84 46.31
CA THR A 190 23.15 8.82 45.84
C THR A 190 23.32 9.45 44.45
N LEU A 191 22.22 9.73 43.77
CA LEU A 191 22.26 10.32 42.43
C LEU A 191 21.63 11.70 42.34
N TYR A 192 20.51 11.89 43.03
CA TYR A 192 19.82 13.16 42.97
C TYR A 192 19.61 13.76 44.36
N GLN A 193 20.29 13.20 45.35
CA GLN A 193 20.14 13.69 46.72
C GLN A 193 18.67 13.69 47.14
N ASN A 194 18.05 14.87 47.04
CA ASN A 194 16.65 15.08 47.39
C ASN A 194 15.73 13.87 47.26
N THR A 195 15.64 13.04 48.31
CA THR A 195 14.77 11.88 48.27
C THR A 195 13.31 12.34 48.37
N ASP A 196 12.92 13.18 47.43
CA ASP A 196 11.58 13.75 47.36
C ASP A 196 11.53 14.60 46.09
N ALA A 197 12.51 14.39 45.23
CA ALA A 197 12.67 15.09 43.96
C ALA A 197 11.41 15.12 43.09
N TYR A 198 11.47 15.91 42.04
CA TYR A 198 10.35 16.04 41.11
C TYR A 198 10.88 16.66 39.82
N VAL A 199 10.11 16.48 38.75
CA VAL A 199 10.45 17.00 37.43
C VAL A 199 9.17 17.62 36.87
N SER A 200 9.28 18.76 36.21
CA SER A 200 8.10 19.40 35.66
C SER A 200 8.38 20.08 34.33
N VAL A 201 7.55 19.74 33.35
CA VAL A 201 7.67 20.28 32.01
C VAL A 201 6.48 21.18 31.74
N GLY A 202 6.74 22.39 31.26
CA GLY A 202 5.66 23.31 30.99
C GLY A 202 5.72 23.96 29.62
N SER A 203 4.63 23.85 28.88
CA SER A 203 4.52 24.44 27.56
C SER A 203 3.18 25.11 27.61
N SER A 204 2.83 25.88 26.59
CA SER A 204 1.52 26.53 26.61
C SER A 204 0.49 25.43 26.37
N LYS A 205 0.98 24.28 25.92
CA LYS A 205 0.17 23.11 25.61
C LYS A 205 0.76 21.86 26.29
N TYR A 206 1.06 21.97 27.58
CA TYR A 206 1.65 20.87 28.34
C TYR A 206 1.78 21.27 29.82
N ASN A 207 1.87 20.29 30.71
CA ASN A 207 1.99 20.60 32.12
C ASN A 207 2.18 19.39 33.04
N ARG A 208 2.06 18.19 32.49
CA ARG A 208 2.23 16.99 33.32
C ARG A 208 3.49 17.16 34.16
N ARG A 209 3.40 16.83 35.44
CA ARG A 209 4.54 16.91 36.35
C ARG A 209 4.90 15.49 36.74
N PHE A 210 6.10 15.28 37.28
CA PHE A 210 6.49 13.92 37.65
C PHE A 210 7.19 13.84 38.97
N THR A 211 7.23 12.63 39.51
CA THR A 211 7.88 12.34 40.78
C THR A 211 8.45 10.94 40.62
N PRO A 212 9.65 10.70 41.14
CA PRO A 212 10.22 9.37 41.00
C PRO A 212 9.36 8.32 41.67
N GLU A 213 8.93 7.33 40.89
CA GLU A 213 8.11 6.24 41.41
C GLU A 213 9.00 5.08 41.82
N ILE A 214 9.85 5.34 42.80
CA ILE A 214 10.76 4.32 43.30
C ILE A 214 9.95 3.14 43.84
N ALA A 215 10.26 1.94 43.34
CA ALA A 215 9.58 0.71 43.74
C ALA A 215 10.48 -0.49 43.42
N ALA A 216 10.27 -1.59 44.12
CA ALA A 216 11.06 -2.80 43.88
C ALA A 216 10.49 -3.50 42.64
N ARG A 217 11.35 -3.72 41.66
CA ARG A 217 10.92 -4.34 40.42
C ARG A 217 12.08 -5.13 39.84
N PRO A 218 11.80 -6.12 38.97
CA PRO A 218 12.83 -6.94 38.36
C PRO A 218 13.86 -6.12 37.61
N LYS A 219 14.88 -6.78 37.10
CA LYS A 219 15.90 -6.07 36.37
C LYS A 219 15.78 -6.44 34.91
N VAL A 220 15.93 -5.46 34.03
CA VAL A 220 15.87 -5.73 32.60
C VAL A 220 17.22 -5.34 32.06
N ARG A 221 17.74 -6.15 31.16
CA ARG A 221 19.06 -5.98 30.57
C ARG A 221 20.00 -5.23 31.53
N GLY A 222 20.02 -5.69 32.77
CA GLY A 222 20.88 -5.11 33.77
C GLY A 222 20.23 -4.34 34.88
N GLN A 223 19.70 -3.17 34.53
CA GLN A 223 19.08 -2.27 35.51
C GLN A 223 17.76 -2.70 36.13
N ALA A 224 17.58 -2.33 37.40
CA ALA A 224 16.36 -2.60 38.15
C ALA A 224 15.59 -1.27 38.13
N GLY A 225 16.29 -0.20 37.79
CA GLY A 225 15.67 1.12 37.71
C GLY A 225 15.01 1.27 36.35
N ARG A 226 14.05 2.19 36.25
CA ARG A 226 13.35 2.38 35.00
C ARG A 226 13.29 3.82 34.54
N MET A 227 13.40 4.02 33.23
CA MET A 227 13.33 5.35 32.64
C MET A 227 12.17 5.46 31.66
N ASN A 228 11.20 6.31 31.99
CA ASN A 228 10.05 6.53 31.12
C ASN A 228 10.40 7.66 30.16
N TYR A 229 10.17 7.43 28.88
CA TYR A 229 10.48 8.42 27.87
C TYR A 229 9.25 9.21 27.49
N TYR A 230 9.41 10.53 27.36
CA TYR A 230 8.31 11.40 27.00
C TYR A 230 8.70 12.28 25.84
N TRP A 231 7.72 12.71 25.06
CA TRP A 231 8.01 13.58 23.93
C TRP A 231 6.88 14.60 23.83
N THR A 232 7.05 15.58 22.96
CA THR A 232 6.04 16.60 22.73
C THR A 232 6.43 17.40 21.51
N LEU A 233 5.45 17.83 20.73
CA LEU A 233 5.73 18.64 19.55
C LEU A 233 5.54 20.09 19.93
N LEU A 234 6.65 20.80 20.10
CA LEU A 234 6.64 22.21 20.47
C LEU A 234 6.33 23.10 19.28
N ASP A 235 5.17 23.74 19.31
CA ASP A 235 4.73 24.61 18.24
C ASP A 235 5.60 25.85 18.10
N GLN A 236 5.61 26.44 16.91
CA GLN A 236 6.40 27.63 16.67
C GLN A 236 6.06 28.70 17.69
N GLY A 237 7.06 29.48 18.09
CA GLY A 237 6.84 30.55 19.03
C GLY A 237 6.51 30.12 20.45
N ASP A 238 6.22 28.85 20.66
CA ASP A 238 5.91 28.42 22.02
C ASP A 238 7.22 28.17 22.76
N THR A 239 7.15 28.18 24.09
CA THR A 239 8.32 27.99 24.92
C THR A 239 8.16 26.81 25.87
N ILE A 240 9.03 25.81 25.78
CA ILE A 240 8.95 24.69 26.71
C ILE A 240 9.91 24.99 27.86
N THR A 241 9.46 24.75 29.10
CA THR A 241 10.27 25.02 30.28
C THR A 241 10.45 23.77 31.12
N PHE A 242 11.70 23.43 31.43
CA PHE A 242 12.01 22.27 32.27
C PHE A 242 12.56 22.79 33.58
N GLU A 243 12.36 22.01 34.65
CA GLU A 243 12.90 22.34 35.97
C GLU A 243 12.73 21.08 36.81
N ALA A 244 13.74 20.76 37.60
CA ALA A 244 13.67 19.55 38.40
C ALA A 244 14.66 19.54 39.55
N THR A 245 14.32 18.80 40.60
CA THR A 245 15.18 18.66 41.76
C THR A 245 15.88 17.32 41.68
N GLY A 246 15.72 16.68 40.53
CA GLY A 246 16.33 15.38 40.30
C GLY A 246 15.47 14.45 39.45
N ASN A 247 16.10 13.38 38.98
CA ASN A 247 15.42 12.37 38.17
C ASN A 247 15.01 12.84 36.79
N LEU A 248 15.73 13.80 36.25
CA LEU A 248 15.42 14.28 34.92
C LEU A 248 16.50 13.86 33.95
N ILE A 249 16.11 13.16 32.90
CA ILE A 249 17.05 12.77 31.86
C ILE A 249 16.71 13.86 30.86
N ALA A 250 17.39 14.99 31.04
CA ALA A 250 17.19 16.18 30.23
C ALA A 250 17.43 16.00 28.75
N PRO A 251 16.69 16.77 27.93
CA PRO A 251 16.83 16.70 26.49
C PRO A 251 18.20 17.28 26.16
N TRP A 252 18.93 16.67 25.23
CA TRP A 252 20.23 17.18 24.82
C TRP A 252 20.06 17.64 23.37
N TYR A 253 19.54 16.74 22.52
CA TYR A 253 19.26 17.09 21.14
C TYR A 253 17.76 16.96 20.88
N ALA A 254 17.26 17.79 19.98
CA ALA A 254 15.85 17.78 19.61
C ALA A 254 15.80 17.93 18.10
N PHE A 255 14.66 17.63 17.50
CA PHE A 255 14.55 17.72 16.05
C PHE A 255 13.56 18.77 15.59
N ALA A 256 13.97 19.59 14.63
CA ALA A 256 13.10 20.62 14.07
C ALA A 256 12.58 20.00 12.78
N LEU A 257 11.28 19.77 12.71
CA LEU A 257 10.74 19.13 11.53
C LEU A 257 9.48 19.75 10.92
N ASN A 258 9.20 19.29 9.69
CA ASN A 258 8.05 19.71 8.92
C ASN A 258 7.27 18.48 8.47
N LYS A 259 6.17 18.18 9.14
CA LYS A 259 5.34 17.03 8.78
C LYS A 259 4.36 17.42 7.68
N GLY A 260 4.21 16.54 6.69
CA GLY A 260 3.27 16.80 5.61
C GLY A 260 1.95 16.13 5.95
N SER A 261 1.75 14.91 5.44
CA SER A 261 0.53 14.15 5.73
C SER A 261 0.94 13.08 6.75
N ASP A 262 0.78 11.82 6.39
CA ASP A 262 1.16 10.73 7.28
C ASP A 262 1.07 9.37 6.61
N SER A 263 2.21 8.70 6.54
CA SER A 263 2.26 7.38 5.94
C SER A 263 2.30 6.37 7.09
N GLY A 264 3.28 5.48 7.06
CA GLY A 264 3.38 4.51 8.12
C GLY A 264 4.77 3.90 8.24
N ILE A 265 4.84 2.75 8.90
CA ILE A 265 6.11 2.06 9.10
C ILE A 265 6.06 0.67 8.51
N ILE A 266 6.69 0.50 7.35
CA ILE A 266 6.73 -0.82 6.73
C ILE A 266 7.82 -1.58 7.46
N THR A 267 7.55 -2.83 7.79
CA THR A 267 8.57 -3.62 8.44
C THR A 267 8.81 -4.85 7.55
N SER A 268 9.97 -4.87 6.89
CA SER A 268 10.33 -5.96 5.99
C SER A 268 11.83 -6.05 5.74
N ASP A 269 12.31 -7.29 5.53
CA ASP A 269 13.71 -7.54 5.27
C ASP A 269 14.00 -7.43 3.78
N ALA A 270 13.06 -6.88 3.03
CA ALA A 270 13.24 -6.75 1.58
C ALA A 270 14.23 -5.63 1.27
N PRO A 271 15.08 -5.84 0.23
CA PRO A 271 16.09 -4.86 -0.18
C PRO A 271 15.47 -3.52 -0.51
N VAL A 272 16.27 -2.47 -0.44
CA VAL A 272 15.81 -1.13 -0.73
C VAL A 272 16.52 -0.60 -1.97
N HIS A 273 15.76 -0.14 -2.96
CA HIS A 273 16.37 0.38 -4.19
C HIS A 273 15.78 1.70 -4.64
N ASN A 274 16.41 2.31 -5.66
CA ASN A 274 15.97 3.60 -6.16
C ASN A 274 14.75 3.59 -7.07
N CYS A 275 13.99 2.51 -7.00
CA CYS A 275 12.77 2.39 -7.79
C CYS A 275 11.72 3.30 -7.17
N ASP A 276 10.69 3.65 -7.93
CA ASP A 276 9.64 4.49 -7.41
C ASP A 276 8.36 3.67 -7.38
N THR A 277 7.30 4.20 -6.77
CA THR A 277 6.03 3.48 -6.66
C THR A 277 4.96 4.38 -6.05
N LYS A 278 3.69 4.05 -6.28
CA LYS A 278 2.60 4.83 -5.71
C LYS A 278 2.00 3.99 -4.59
N CYS A 279 2.31 2.70 -4.63
CA CYS A 279 1.83 1.77 -3.63
C CYS A 279 2.98 0.85 -3.17
N GLN A 280 3.24 0.87 -1.87
CA GLN A 280 4.31 0.05 -1.29
C GLN A 280 3.79 -0.94 -0.26
N THR A 281 4.35 -2.15 -0.28
CA THR A 281 3.93 -3.19 0.66
C THR A 281 5.16 -3.86 1.26
N PRO A 282 4.96 -4.67 2.31
CA PRO A 282 6.08 -5.35 2.95
C PRO A 282 6.88 -6.23 2.00
N HIS A 283 6.20 -6.93 1.09
CA HIS A 283 6.90 -7.80 0.16
C HIS A 283 7.53 -7.07 -1.02
N GLY A 284 7.01 -5.90 -1.36
CA GLY A 284 7.57 -5.15 -2.46
C GLY A 284 6.60 -4.13 -2.98
N ALA A 285 7.03 -3.29 -3.91
CA ALA A 285 6.14 -2.29 -4.46
C ALA A 285 5.15 -2.98 -5.39
N ILE A 286 3.93 -2.47 -5.46
CA ILE A 286 2.91 -3.04 -6.31
C ILE A 286 2.60 -2.02 -7.38
N ASN A 287 1.92 -2.47 -8.43
CA ASN A 287 1.52 -1.58 -9.50
C ASN A 287 0.16 -0.99 -9.09
N SER A 288 -0.04 0.29 -9.35
CA SER A 288 -1.29 0.94 -8.99
C SER A 288 -2.19 1.20 -10.19
N THR A 289 -2.46 0.16 -10.98
CA THR A 289 -3.32 0.29 -12.16
C THR A 289 -4.59 -0.51 -11.99
N LEU A 290 -4.44 -1.81 -11.78
CA LEU A 290 -5.60 -2.67 -11.60
C LEU A 290 -6.37 -2.30 -10.35
N PRO A 291 -7.70 -2.50 -10.37
CA PRO A 291 -8.55 -2.17 -9.23
C PRO A 291 -8.41 -3.08 -8.00
N PHE A 292 -7.76 -4.22 -8.14
CA PHE A 292 -7.59 -5.11 -7.00
C PHE A 292 -6.21 -5.74 -6.89
N GLN A 293 -5.84 -6.11 -5.67
CA GLN A 293 -4.55 -6.73 -5.39
C GLN A 293 -4.68 -7.75 -4.25
N ASN A 294 -3.81 -8.76 -4.29
CA ASN A 294 -3.80 -9.79 -3.26
C ASN A 294 -2.38 -10.04 -2.78
N VAL A 295 -1.54 -9.03 -2.95
CA VAL A 295 -0.14 -9.13 -2.54
C VAL A 295 0.04 -8.99 -1.03
N HIS A 296 -0.76 -8.13 -0.39
CA HIS A 296 -0.62 -7.90 1.05
C HIS A 296 -1.67 -6.92 1.58
N PRO A 297 -2.32 -7.26 2.71
CA PRO A 297 -3.33 -6.36 3.27
C PRO A 297 -2.74 -5.03 3.69
N ILE A 298 -1.58 -5.08 4.32
CA ILE A 298 -0.92 -3.87 4.83
C ILE A 298 -0.11 -3.14 3.76
N THR A 299 -0.65 -2.03 3.27
CA THR A 299 0.01 -1.28 2.24
C THR A 299 0.04 0.21 2.54
N ILE A 300 0.93 0.94 1.85
CA ILE A 300 1.02 2.39 2.02
C ILE A 300 1.02 3.08 0.67
N GLY A 301 0.17 4.08 0.54
CA GLY A 301 0.08 4.84 -0.70
C GLY A 301 -1.31 4.80 -1.28
N GLU A 302 -1.39 5.00 -2.60
CA GLU A 302 -2.65 4.92 -3.32
C GLU A 302 -2.58 3.52 -3.89
N CYS A 303 -3.28 2.60 -3.23
CA CYS A 303 -3.24 1.20 -3.61
C CYS A 303 -4.53 0.59 -4.11
N PRO A 304 -4.42 -0.60 -4.72
CA PRO A 304 -5.53 -1.38 -5.26
C PRO A 304 -6.17 -2.06 -4.05
N LYS A 305 -7.49 -2.11 -3.99
CA LYS A 305 -8.16 -2.74 -2.85
C LYS A 305 -7.70 -4.18 -2.67
N TYR A 306 -7.34 -4.52 -1.44
CA TYR A 306 -6.86 -5.86 -1.15
C TYR A 306 -8.02 -6.84 -1.12
N VAL A 307 -7.84 -8.00 -1.76
CA VAL A 307 -8.87 -9.03 -1.83
C VAL A 307 -8.30 -10.44 -1.66
N LYS A 308 -9.10 -11.34 -1.09
CA LYS A 308 -8.68 -12.71 -0.87
C LYS A 308 -8.69 -13.51 -2.18
N SER A 309 -9.04 -12.87 -3.28
CA SER A 309 -9.09 -13.57 -4.56
C SER A 309 -7.71 -14.03 -5.02
N THR A 310 -7.72 -14.98 -5.94
CA THR A 310 -6.49 -15.51 -6.50
C THR A 310 -6.59 -15.34 -8.00
N LYS A 311 -7.83 -15.24 -8.47
CA LYS A 311 -8.11 -15.06 -9.90
C LYS A 311 -9.33 -14.21 -10.20
N LEU A 312 -9.08 -13.05 -10.81
CA LEU A 312 -10.12 -12.12 -11.25
C LEU A 312 -9.79 -11.76 -12.68
N ARG A 313 -10.02 -12.71 -13.59
CA ARG A 313 -9.74 -12.53 -15.01
C ARG A 313 -11.00 -12.12 -15.74
N MET A 314 -10.92 -11.05 -16.51
CA MET A 314 -12.08 -10.56 -17.23
C MET A 314 -12.04 -10.86 -18.74
N ALA A 315 -13.13 -11.41 -19.25
CA ALA A 315 -13.19 -11.72 -20.68
C ALA A 315 -13.24 -10.42 -21.46
N THR A 316 -12.59 -10.39 -22.61
CA THR A 316 -12.61 -9.23 -23.49
C THR A 316 -12.99 -9.75 -24.88
N GLY A 317 -12.53 -10.97 -25.18
CA GLY A 317 -12.83 -11.60 -26.45
C GLY A 317 -14.03 -12.52 -26.25
N LEU A 318 -14.23 -13.45 -27.17
CA LEU A 318 -15.37 -14.36 -27.07
C LEU A 318 -14.94 -15.78 -26.82
N ARG A 319 -15.92 -16.65 -26.57
CA ARG A 319 -15.68 -18.07 -26.33
C ARG A 319 -14.70 -18.57 -27.38
N ASN A 320 -13.67 -19.30 -26.97
CA ASN A 320 -12.73 -19.81 -27.95
C ASN A 320 -13.09 -21.26 -28.30
N ILE A 321 -13.48 -21.46 -29.56
CA ILE A 321 -13.86 -22.77 -30.06
C ILE A 321 -13.18 -23.01 -31.40
N PRO A 322 -11.94 -23.51 -31.37
CA PRO A 322 -11.21 -23.77 -32.62
C PRO A 322 -11.61 -25.07 -33.31
N SER A 323 -10.59 -25.84 -33.66
CA SER A 323 -10.73 -27.11 -34.36
C SER A 323 -11.16 -26.89 -35.80
N ILE A 324 -10.68 -27.75 -36.68
CA ILE A 324 -10.99 -27.67 -38.11
C ILE A 324 -11.33 -29.08 -38.63
N GLY B 1 -25.19 -19.81 -25.79
CA GLY B 1 -25.26 -18.37 -25.46
C GLY B 1 -26.69 -17.89 -25.31
N LEU B 2 -26.85 -16.70 -24.76
CA LEU B 2 -28.17 -16.12 -24.57
C LEU B 2 -28.85 -15.85 -25.91
N PHE B 3 -28.07 -15.46 -26.91
CA PHE B 3 -28.61 -15.15 -28.22
C PHE B 3 -28.52 -16.25 -29.26
N GLY B 4 -28.33 -17.47 -28.78
CA GLY B 4 -28.30 -18.65 -29.64
C GLY B 4 -27.29 -18.86 -30.76
N ALA B 5 -26.44 -17.88 -31.05
CA ALA B 5 -25.49 -18.07 -32.14
C ALA B 5 -24.17 -18.76 -31.74
N MET B 6 -23.38 -18.12 -30.88
CA MET B 6 -22.10 -18.68 -30.45
C MET B 6 -22.23 -20.03 -29.83
N ALA B 7 -21.49 -21.01 -30.33
CA ALA B 7 -21.56 -22.32 -29.75
C ALA B 7 -23.02 -22.71 -29.68
N GLY B 8 -23.78 -22.17 -30.62
CA GLY B 8 -25.20 -22.43 -30.71
C GLY B 8 -25.45 -22.90 -32.12
N PHE B 9 -26.20 -22.11 -32.91
CA PHE B 9 -26.45 -22.54 -34.26
C PHE B 9 -25.25 -22.34 -35.17
N ILE B 10 -24.19 -21.77 -34.61
CA ILE B 10 -22.92 -21.56 -35.31
C ILE B 10 -21.92 -22.11 -34.29
N GLU B 11 -22.01 -23.42 -34.08
CA GLU B 11 -21.22 -24.18 -33.11
C GLU B 11 -19.70 -24.06 -33.05
N GLY B 12 -19.08 -23.37 -33.98
CA GLY B 12 -17.64 -23.27 -33.91
C GLY B 12 -17.05 -21.96 -34.36
N GLY B 13 -15.79 -21.74 -34.04
CA GLY B 13 -15.13 -20.50 -34.41
C GLY B 13 -14.16 -20.69 -35.55
N TRP B 14 -13.88 -19.59 -36.25
CA TRP B 14 -12.96 -19.63 -37.37
C TRP B 14 -11.56 -19.25 -36.98
N THR B 15 -10.69 -20.25 -36.97
CA THR B 15 -9.32 -20.01 -36.64
C THR B 15 -8.71 -19.25 -37.81
N GLY B 16 -9.31 -19.44 -38.98
CA GLY B 16 -8.84 -18.79 -40.17
C GLY B 16 -9.17 -17.31 -40.24
N MET B 17 -10.20 -16.85 -39.55
CA MET B 17 -10.49 -15.43 -39.59
C MET B 17 -9.55 -14.81 -38.58
N ILE B 18 -8.58 -14.06 -39.09
CA ILE B 18 -7.57 -13.47 -38.22
C ILE B 18 -7.57 -11.96 -38.09
N ASP B 19 -8.44 -11.27 -38.82
CA ASP B 19 -8.45 -9.81 -38.74
C ASP B 19 -9.69 -9.20 -38.08
N GLY B 20 -10.33 -9.95 -37.19
CA GLY B 20 -11.52 -9.45 -36.52
C GLY B 20 -12.23 -10.48 -35.67
N TRP B 21 -13.26 -10.04 -34.95
CA TRP B 21 -14.01 -10.95 -34.08
C TRP B 21 -15.17 -11.64 -34.74
N TYR B 22 -15.91 -10.89 -35.54
CA TYR B 22 -17.07 -11.44 -36.23
C TYR B 22 -16.87 -11.18 -37.70
N GLY B 23 -17.23 -12.13 -38.54
CA GLY B 23 -17.03 -11.92 -39.95
C GLY B 23 -17.69 -12.89 -40.89
N TYR B 24 -17.18 -12.90 -42.11
CA TYR B 24 -17.70 -13.73 -43.16
C TYR B 24 -16.68 -14.70 -43.71
N HIS B 25 -17.20 -15.70 -44.41
CA HIS B 25 -16.39 -16.67 -45.12
C HIS B 25 -17.24 -17.05 -46.31
N HIS B 26 -16.79 -16.68 -47.49
CA HIS B 26 -17.55 -16.99 -48.68
C HIS B 26 -16.85 -18.06 -49.46
N GLN B 27 -17.58 -18.63 -50.41
CA GLN B 27 -17.07 -19.66 -51.28
C GLN B 27 -17.83 -19.57 -52.59
N ASN B 28 -17.23 -18.94 -53.59
CA ASN B 28 -17.86 -18.84 -54.90
C ASN B 28 -16.92 -19.50 -55.89
N GLU B 29 -17.33 -19.58 -57.14
CA GLU B 29 -16.51 -20.20 -58.17
C GLU B 29 -15.16 -19.54 -58.40
N GLN B 30 -15.02 -18.31 -57.91
CA GLN B 30 -13.79 -17.57 -58.09
C GLN B 30 -12.74 -17.71 -56.98
N GLY B 31 -13.13 -18.29 -55.86
CA GLY B 31 -12.21 -18.45 -54.75
C GLY B 31 -12.95 -18.48 -53.43
N SER B 32 -12.25 -18.32 -52.32
CA SER B 32 -12.89 -18.33 -51.00
C SER B 32 -11.99 -17.64 -49.98
N GLY B 33 -12.56 -17.26 -48.84
CA GLY B 33 -11.75 -16.61 -47.82
C GLY B 33 -12.53 -16.05 -46.64
N TYR B 34 -11.77 -15.71 -45.60
CA TYR B 34 -12.33 -15.13 -44.40
C TYR B 34 -12.14 -13.63 -44.44
N ALA B 35 -13.15 -12.88 -44.01
CA ALA B 35 -13.07 -11.43 -43.97
C ALA B 35 -13.88 -10.99 -42.76
N ALA B 36 -13.22 -10.31 -41.84
CA ALA B 36 -13.88 -9.83 -40.64
C ALA B 36 -14.77 -8.67 -41.00
N ASP B 37 -15.93 -8.57 -40.35
CA ASP B 37 -16.80 -7.43 -40.62
C ASP B 37 -16.12 -6.35 -39.79
N GLN B 38 -15.59 -5.34 -40.48
CA GLN B 38 -14.88 -4.29 -39.79
C GLN B 38 -15.71 -3.43 -38.86
N LYS B 39 -16.83 -2.93 -39.35
CA LYS B 39 -17.69 -2.08 -38.55
C LYS B 39 -18.11 -2.69 -37.21
N SER B 40 -18.71 -3.87 -37.23
CA SER B 40 -19.14 -4.51 -35.99
C SER B 40 -17.97 -4.93 -35.12
N THR B 41 -16.84 -5.26 -35.72
CA THR B 41 -15.71 -5.66 -34.91
C THR B 41 -15.16 -4.46 -34.17
N GLN B 42 -14.87 -3.38 -34.91
CA GLN B 42 -14.35 -2.18 -34.29
C GLN B 42 -15.24 -1.75 -33.13
N ASN B 43 -16.53 -1.61 -33.42
CA ASN B 43 -17.47 -1.21 -32.39
C ASN B 43 -17.37 -2.09 -31.16
N ALA B 44 -17.31 -3.40 -31.36
CA ALA B 44 -17.20 -4.29 -30.21
C ALA B 44 -15.94 -3.91 -29.45
N ILE B 45 -14.86 -3.67 -30.18
CA ILE B 45 -13.59 -3.29 -29.55
C ILE B 45 -13.82 -2.02 -28.73
N ASP B 46 -14.25 -0.97 -29.40
CA ASP B 46 -14.50 0.26 -28.71
C ASP B 46 -15.28 0.03 -27.41
N GLY B 47 -16.38 -0.71 -27.51
CA GLY B 47 -17.19 -0.99 -26.34
C GLY B 47 -16.49 -1.80 -25.25
N ILE B 48 -16.00 -2.99 -25.56
CA ILE B 48 -15.30 -3.80 -24.57
C ILE B 48 -14.17 -2.98 -23.97
N THR B 49 -13.47 -2.23 -24.83
CA THR B 49 -12.36 -1.39 -24.41
C THR B 49 -12.86 -0.41 -23.37
N ASN B 50 -13.93 0.30 -23.70
CA ASN B 50 -14.49 1.26 -22.79
C ASN B 50 -15.01 0.62 -21.52
N LYS B 51 -15.47 -0.62 -21.61
CA LYS B 51 -15.98 -1.34 -20.45
C LYS B 51 -14.85 -1.59 -19.47
N VAL B 52 -13.75 -2.15 -19.96
CA VAL B 52 -12.60 -2.43 -19.10
C VAL B 52 -12.17 -1.17 -18.38
N ASN B 53 -11.92 -0.11 -19.14
CA ASN B 53 -11.50 1.14 -18.52
C ASN B 53 -12.46 1.52 -17.39
N SER B 54 -13.77 1.51 -17.63
CA SER B 54 -14.71 1.85 -16.58
C SER B 54 -14.41 1.10 -15.28
N ILE B 55 -14.35 -0.23 -15.37
CA ILE B 55 -14.08 -1.08 -14.21
C ILE B 55 -12.75 -0.73 -13.52
N ILE B 56 -11.84 -0.12 -14.26
CA ILE B 56 -10.56 0.27 -13.71
C ILE B 56 -10.59 1.75 -13.32
N GLU B 57 -11.00 2.62 -14.25
CA GLU B 57 -11.08 4.06 -14.00
C GLU B 57 -11.93 4.42 -12.79
N LYS B 58 -13.07 3.78 -12.63
CA LYS B 58 -13.97 4.08 -11.53
C LYS B 58 -13.46 3.71 -10.15
N MET B 59 -12.31 3.07 -10.07
CA MET B 59 -11.75 2.67 -8.78
C MET B 59 -10.93 3.82 -8.19
N ASN B 60 -11.57 4.59 -7.32
CA ASN B 60 -10.93 5.72 -6.65
C ASN B 60 -10.25 5.27 -5.37
N THR B 61 -9.02 5.72 -5.16
CA THR B 61 -8.29 5.37 -3.95
C THR B 61 -7.40 6.54 -3.55
N GLN B 62 -7.42 6.87 -2.27
CA GLN B 62 -6.58 7.96 -1.78
C GLN B 62 -5.41 7.40 -1.01
N PHE B 63 -4.43 8.25 -0.74
CA PHE B 63 -3.25 7.85 -0.01
C PHE B 63 -3.68 7.33 1.36
N THR B 64 -3.25 6.11 1.70
CA THR B 64 -3.62 5.51 2.97
C THR B 64 -2.55 4.56 3.47
N ALA B 65 -2.46 4.42 4.78
CA ALA B 65 -1.52 3.51 5.40
C ALA B 65 -2.42 2.64 6.25
N VAL B 66 -2.72 1.45 5.74
CA VAL B 66 -3.59 0.52 6.45
C VAL B 66 -3.14 0.19 7.87
N GLY B 67 -1.90 -0.28 8.02
CA GLY B 67 -1.37 -0.63 9.34
C GLY B 67 -1.64 0.34 10.49
N LYS B 68 -1.72 -0.16 11.72
CA LYS B 68 -1.99 0.71 12.85
C LYS B 68 -1.08 0.73 14.09
N GLU B 69 -0.83 -0.42 14.71
CA GLU B 69 0.01 -0.45 15.91
C GLU B 69 -0.72 -0.02 17.20
N PHE B 70 -1.07 -1.02 18.02
CA PHE B 70 -1.76 -0.79 19.28
C PHE B 70 -1.08 -1.57 20.40
N ASN B 71 -0.93 -0.96 21.58
CA ASN B 71 -0.27 -1.66 22.67
C ASN B 71 -1.20 -2.64 23.37
N ASN B 72 -0.62 -3.50 24.19
CA ASN B 72 -1.37 -4.53 24.90
C ASN B 72 -2.61 -4.08 25.68
N LEU B 73 -2.82 -2.77 25.80
CA LEU B 73 -3.98 -2.30 26.50
C LEU B 73 -4.99 -1.61 25.58
N GLU B 74 -4.83 -1.85 24.28
CA GLU B 74 -5.72 -1.28 23.27
C GLU B 74 -6.24 -2.38 22.36
N ARG B 75 -6.53 -3.53 22.94
CA ARG B 75 -7.04 -4.66 22.19
C ARG B 75 -8.38 -4.33 21.53
N ARG B 76 -9.29 -3.73 22.28
CA ARG B 76 -10.60 -3.39 21.72
C ARG B 76 -10.48 -2.56 20.44
N ILE B 77 -9.84 -1.39 20.51
CA ILE B 77 -9.73 -0.59 19.31
C ILE B 77 -8.85 -1.28 18.28
N GLU B 78 -7.95 -2.16 18.73
CA GLU B 78 -7.13 -2.90 17.77
C GLU B 78 -8.05 -3.86 17.02
N ASN B 79 -8.91 -4.56 17.76
CA ASN B 79 -9.84 -5.49 17.16
C ASN B 79 -10.84 -4.72 16.31
N LEU B 80 -11.08 -3.44 16.65
CA LEU B 80 -12.01 -2.63 15.88
C LEU B 80 -11.34 -2.37 14.54
N ASN B 81 -10.05 -2.02 14.61
CA ASN B 81 -9.28 -1.76 13.42
C ASN B 81 -9.33 -3.02 12.55
N LYS B 82 -9.27 -4.18 13.19
CA LYS B 82 -9.32 -5.45 12.50
C LYS B 82 -10.64 -5.55 11.74
N LYS B 83 -11.74 -5.34 12.48
CA LYS B 83 -13.09 -5.39 11.93
C LYS B 83 -13.21 -4.53 10.67
N VAL B 84 -12.60 -3.34 10.68
CA VAL B 84 -12.65 -2.47 9.52
C VAL B 84 -11.90 -3.13 8.38
N ASP B 85 -10.65 -3.53 8.62
CA ASP B 85 -9.86 -4.18 7.59
C ASP B 85 -10.57 -5.41 7.06
N ASP B 86 -10.87 -6.38 7.92
CA ASP B 86 -11.57 -7.57 7.46
C ASP B 86 -12.84 -7.13 6.76
N GLY B 87 -13.52 -6.18 7.37
CA GLY B 87 -14.76 -5.66 6.83
C GLY B 87 -14.67 -5.25 5.38
N PHE B 88 -13.86 -4.26 5.08
CA PHE B 88 -13.71 -3.80 3.71
C PHE B 88 -13.15 -4.92 2.84
N LEU B 89 -12.28 -5.73 3.42
CA LEU B 89 -11.66 -6.81 2.69
C LEU B 89 -12.58 -8.00 2.49
N ASP B 90 -13.87 -7.79 2.76
CA ASP B 90 -14.86 -8.83 2.58
C ASP B 90 -15.81 -8.27 1.53
N VAL B 91 -16.00 -6.96 1.59
CA VAL B 91 -16.83 -6.26 0.63
C VAL B 91 -16.16 -6.37 -0.74
N TRP B 92 -14.97 -5.80 -0.90
CA TRP B 92 -14.26 -5.86 -2.17
C TRP B 92 -14.06 -7.28 -2.75
N THR B 93 -13.87 -8.26 -1.88
CA THR B 93 -13.67 -9.63 -2.34
C THR B 93 -14.95 -10.13 -3.00
N TYR B 94 -16.04 -10.06 -2.27
CA TYR B 94 -17.32 -10.52 -2.78
C TYR B 94 -17.69 -9.72 -4.02
N ASN B 95 -17.50 -8.41 -3.94
CA ASN B 95 -17.81 -7.51 -5.05
C ASN B 95 -16.95 -7.75 -6.27
N ALA B 96 -15.63 -7.63 -6.13
CA ALA B 96 -14.73 -7.85 -7.26
C ALA B 96 -15.07 -9.20 -7.88
N GLU B 97 -15.19 -10.21 -7.03
CA GLU B 97 -15.52 -11.55 -7.49
C GLU B 97 -16.79 -11.59 -8.34
N LEU B 98 -17.91 -11.14 -7.79
CA LEU B 98 -19.16 -11.14 -8.55
C LEU B 98 -19.13 -10.16 -9.72
N LEU B 99 -18.46 -9.03 -9.54
CA LEU B 99 -18.38 -8.05 -10.63
C LEU B 99 -17.84 -8.76 -11.86
N VAL B 100 -16.80 -9.57 -11.66
CA VAL B 100 -16.22 -10.30 -12.78
C VAL B 100 -17.15 -11.38 -13.31
N LEU B 101 -17.60 -12.28 -12.44
CA LEU B 101 -18.49 -13.34 -12.90
C LEU B 101 -19.65 -12.81 -13.73
N LEU B 102 -20.23 -11.70 -13.27
CA LEU B 102 -21.37 -11.10 -13.97
C LEU B 102 -20.96 -10.41 -15.27
N GLU B 103 -20.00 -9.49 -15.21
CA GLU B 103 -19.58 -8.80 -16.43
C GLU B 103 -19.02 -9.76 -17.48
N ASN B 104 -18.54 -10.92 -17.03
CA ASN B 104 -18.01 -11.91 -17.95
C ASN B 104 -19.16 -12.49 -18.74
N GLU B 105 -20.21 -12.89 -18.02
CA GLU B 105 -21.40 -13.44 -18.64
C GLU B 105 -21.87 -12.39 -19.66
N ARG B 106 -21.96 -11.16 -19.19
CA ARG B 106 -22.39 -10.06 -20.04
C ARG B 106 -21.54 -9.93 -21.29
N THR B 107 -20.22 -9.92 -21.14
CA THR B 107 -19.36 -9.77 -22.30
C THR B 107 -19.62 -10.87 -23.31
N LEU B 108 -19.64 -12.11 -22.86
CA LEU B 108 -19.89 -13.21 -23.77
C LEU B 108 -21.24 -13.04 -24.46
N ASP B 109 -22.29 -12.68 -23.71
CA ASP B 109 -23.60 -12.48 -24.32
C ASP B 109 -23.49 -11.43 -25.40
N PHE B 110 -22.80 -10.34 -25.07
CA PHE B 110 -22.59 -9.24 -26.00
C PHE B 110 -22.07 -9.74 -27.32
N HIS B 111 -21.03 -10.58 -27.28
CA HIS B 111 -20.44 -11.11 -28.49
C HIS B 111 -21.47 -11.93 -29.27
N ASP B 112 -22.18 -12.81 -28.56
CA ASP B 112 -23.19 -13.66 -29.17
C ASP B 112 -24.19 -12.77 -29.90
N SER B 113 -24.74 -11.81 -29.17
CA SER B 113 -25.67 -10.85 -29.72
C SER B 113 -25.09 -10.24 -31.01
N ASN B 114 -23.82 -9.87 -30.99
CA ASN B 114 -23.21 -9.27 -32.17
C ASN B 114 -23.18 -10.21 -33.36
N VAL B 115 -22.94 -11.49 -33.11
CA VAL B 115 -22.88 -12.46 -34.18
C VAL B 115 -24.29 -12.64 -34.75
N ARG B 116 -25.26 -12.79 -33.86
CA ARG B 116 -26.65 -12.95 -34.26
C ARG B 116 -27.12 -11.77 -35.09
N ASN B 117 -26.80 -10.56 -34.67
CA ASN B 117 -27.22 -9.39 -35.42
C ASN B 117 -26.58 -9.35 -36.81
N LEU B 118 -25.35 -9.82 -36.90
CA LEU B 118 -24.65 -9.82 -38.16
C LEU B 118 -25.34 -10.85 -39.05
N TYR B 119 -25.50 -12.06 -38.53
CA TYR B 119 -26.18 -13.11 -39.26
C TYR B 119 -27.52 -12.60 -39.78
N GLU B 120 -28.31 -12.03 -38.87
CA GLU B 120 -29.60 -11.51 -39.27
C GLU B 120 -29.50 -10.28 -40.15
N LYS B 121 -28.35 -9.62 -40.15
CA LYS B 121 -28.21 -8.45 -41.00
C LYS B 121 -28.21 -9.00 -42.44
N VAL B 122 -27.39 -10.01 -42.67
CA VAL B 122 -27.28 -10.65 -43.96
C VAL B 122 -28.58 -11.37 -44.32
N LYS B 123 -29.07 -12.20 -43.41
CA LYS B 123 -30.30 -12.96 -43.61
C LYS B 123 -31.37 -12.05 -44.18
N SER B 124 -31.33 -10.79 -43.74
CA SER B 124 -32.31 -9.82 -44.19
C SER B 124 -32.08 -9.49 -45.65
N GLN B 125 -30.88 -9.04 -45.99
CA GLN B 125 -30.53 -8.67 -47.37
C GLN B 125 -30.84 -9.75 -48.43
N LEU B 126 -30.38 -10.98 -48.17
CA LEU B 126 -30.59 -12.07 -49.12
C LEU B 126 -32.05 -12.48 -49.30
N ARG B 127 -32.79 -12.61 -48.21
CA ARG B 127 -34.19 -13.00 -48.30
C ARG B 127 -34.35 -14.35 -49.00
N ASN B 128 -35.15 -14.38 -50.07
CA ASN B 128 -35.38 -15.61 -50.82
C ASN B 128 -34.29 -15.90 -51.84
N ASN B 129 -33.24 -15.11 -51.84
CA ASN B 129 -32.17 -15.33 -52.79
C ASN B 129 -31.08 -16.21 -52.23
N ALA B 130 -31.45 -17.05 -51.28
CA ALA B 130 -30.49 -17.96 -50.68
C ALA B 130 -31.20 -18.79 -49.62
N LYS B 131 -30.80 -20.04 -49.49
CA LYS B 131 -31.40 -20.95 -48.52
C LYS B 131 -30.53 -20.93 -47.25
N GLU B 132 -31.17 -20.86 -46.09
CA GLU B 132 -30.43 -20.87 -44.84
C GLU B 132 -30.11 -22.30 -44.49
N ILE B 133 -28.85 -22.59 -44.22
CA ILE B 133 -28.45 -23.94 -43.84
C ILE B 133 -28.11 -23.90 -42.35
N GLY B 134 -29.13 -23.74 -41.51
CA GLY B 134 -28.95 -23.66 -40.07
C GLY B 134 -27.55 -23.83 -39.45
N ASN B 135 -26.54 -23.11 -39.92
CA ASN B 135 -25.19 -23.21 -39.38
C ASN B 135 -24.43 -21.91 -39.60
N GLY B 136 -25.19 -20.85 -39.87
CA GLY B 136 -24.62 -19.55 -40.09
C GLY B 136 -24.25 -19.33 -41.55
N CYS B 137 -24.69 -20.27 -42.40
CA CYS B 137 -24.38 -20.18 -43.81
C CYS B 137 -25.60 -19.97 -44.69
N PHE B 138 -25.37 -19.25 -45.77
CA PHE B 138 -26.43 -18.99 -46.73
C PHE B 138 -25.92 -19.45 -48.10
N GLU B 139 -26.75 -20.17 -48.84
CA GLU B 139 -26.36 -20.61 -50.17
C GLU B 139 -27.23 -19.91 -51.18
N PHE B 140 -26.65 -18.97 -51.92
CA PHE B 140 -27.41 -18.23 -52.90
C PHE B 140 -28.05 -19.12 -53.94
N TYR B 141 -29.23 -18.73 -54.40
CA TYR B 141 -29.93 -19.48 -55.44
C TYR B 141 -29.34 -19.04 -56.77
N HIS B 142 -28.56 -17.97 -56.74
CA HIS B 142 -27.92 -17.44 -57.92
C HIS B 142 -26.40 -17.42 -57.80
N LYS B 143 -25.72 -17.03 -58.88
CA LYS B 143 -24.28 -16.93 -58.87
C LYS B 143 -23.93 -15.61 -58.20
N CYS B 144 -22.98 -15.67 -57.29
CA CYS B 144 -22.54 -14.50 -56.55
C CYS B 144 -21.03 -14.41 -56.62
N ASP B 145 -20.53 -13.55 -57.50
CA ASP B 145 -19.10 -13.35 -57.67
C ASP B 145 -18.55 -12.48 -56.57
N ASP B 146 -17.29 -12.09 -56.69
CA ASP B 146 -16.68 -11.27 -55.66
C ASP B 146 -17.33 -9.90 -55.47
N GLU B 147 -17.79 -9.28 -56.53
CA GLU B 147 -18.44 -7.98 -56.36
C GLU B 147 -19.68 -8.22 -55.54
N CYS B 148 -20.41 -9.26 -55.91
CA CYS B 148 -21.63 -9.65 -55.22
C CYS B 148 -21.33 -9.95 -53.76
N MET B 149 -20.41 -10.86 -53.50
CA MET B 149 -20.04 -11.22 -52.14
C MET B 149 -19.65 -9.95 -51.39
N GLU B 150 -19.12 -8.99 -52.11
CA GLU B 150 -18.71 -7.75 -51.50
C GLU B 150 -19.97 -6.99 -51.08
N SER B 151 -20.88 -6.80 -52.02
CA SER B 151 -22.12 -6.08 -51.78
C SER B 151 -22.79 -6.54 -50.49
N VAL B 152 -22.88 -7.85 -50.28
CA VAL B 152 -23.51 -8.35 -49.07
C VAL B 152 -22.69 -7.92 -47.85
N LYS B 153 -21.36 -7.96 -47.95
CA LYS B 153 -20.53 -7.57 -46.83
C LYS B 153 -20.73 -6.08 -46.51
N ASN B 154 -20.41 -5.19 -47.45
CA ASN B 154 -20.60 -3.76 -47.17
C ASN B 154 -22.08 -3.37 -47.19
N GLY B 155 -22.95 -4.34 -46.88
CA GLY B 155 -24.39 -4.13 -46.83
C GLY B 155 -25.10 -3.40 -47.95
N THR B 156 -24.83 -3.75 -49.20
CA THR B 156 -25.48 -3.11 -50.34
C THR B 156 -25.96 -4.13 -51.36
N TYR B 157 -26.27 -5.33 -50.89
CA TYR B 157 -26.75 -6.41 -51.76
C TYR B 157 -28.03 -6.01 -52.49
N ASP B 158 -28.09 -6.35 -53.78
CA ASP B 158 -29.22 -6.00 -54.66
C ASP B 158 -30.54 -6.75 -54.52
N TYR B 159 -31.51 -6.30 -55.32
CA TYR B 159 -32.89 -6.82 -55.37
C TYR B 159 -33.02 -8.29 -54.95
N PRO B 160 -33.58 -8.53 -53.76
CA PRO B 160 -33.79 -9.87 -53.24
C PRO B 160 -35.24 -10.35 -53.29
#